data_5ERS
#
_entry.id   5ERS
#
_cell.length_a   87.002
_cell.length_b   99.278
_cell.length_c   112.791
_cell.angle_alpha   90.00
_cell.angle_beta   90.00
_cell.angle_gamma   90.00
#
_symmetry.space_group_name_H-M   'I 2 2 2'
#
loop_
_entity.id
_entity.type
_entity.pdbx_description
1 polymer Gephyrin
2 non-polymer 'ADENOSINE MONOPHOSPHATE'
3 non-polymer 'MAGNESIUM ION'
4 non-polymer 'ACETATE ION'
5 non-polymer 'PHOSPHATE ION'
6 non-polymer (4S)-2-METHYL-2,4-PENTANEDIOL
7 water water
#
_entity_poly.entity_id   1
_entity_poly.type   'polypeptide(L)'
_entity_poly.pdbx_seq_one_letter_code
;MSPFPLTSMDKAFITVLEMTPVLGTEIINYRDGMGRVLAQDVYAKDNLPPFPASVKDGYAVRAADGPGDRFIIGESQAGE
QPTQTVMPGQVMRVTTGAPIPCGADAVVQVEDTELIRESDDGTEELEVRILVQARPGQDIRPIGHDIKRGECVLAKGTHM
GPSEIGLLATVGVTEVEVNKFPVVAVMSTGNELLNPEDDLLPGKIRDSNRSTLLATIQEHGYPTINLGIVGDNPDDLLNA
LNEGISRADVIITSGGVSMGEKDYLKQVLDIDLHAQIHFGRVFMKPGLPTTFATLDIDGVRKIIFALPGNPVSAVVTCNL
FVVPALRKMQGILDPRPTIIKARLSCDVKLDPRPEYHRCILTWHHQEPLPWAQSTGNQMSSRLMSMRSANGLLMLPPKTE
QYVELHKGEVVDVMVIGRL
;
_entity_poly.pdbx_strand_id   A
#
# COMPACT_ATOMS: atom_id res chain seq x y z
N SER A 2 1.50 -35.45 22.33
CA SER A 2 0.30 -34.88 21.73
C SER A 2 0.65 -33.75 20.75
N PRO A 3 1.53 -34.05 19.78
CA PRO A 3 1.83 -33.05 18.77
C PRO A 3 0.56 -32.62 18.06
N PHE A 4 0.55 -31.41 17.56
CA PHE A 4 -0.60 -30.88 16.85
C PHE A 4 -0.69 -31.53 15.48
N PRO A 5 -1.90 -31.69 14.94
CA PRO A 5 -2.09 -32.17 13.56
C PRO A 5 -1.32 -31.35 12.56
N LEU A 6 -0.81 -31.99 11.52
CA LEU A 6 -0.27 -31.22 10.43
C LEU A 6 -1.41 -30.57 9.68
N THR A 7 -1.45 -29.24 9.69
CA THR A 7 -2.46 -28.52 8.98
C THR A 7 -2.00 -28.23 7.57
N SER A 8 -2.89 -28.36 6.60
CA SER A 8 -2.47 -28.05 5.25
C SER A 8 -2.22 -26.55 5.15
N MET A 9 -1.40 -26.19 4.20
CA MET A 9 -1.08 -24.78 3.97
C MET A 9 -2.34 -23.98 3.67
N ASP A 10 -3.20 -24.54 2.82
CA ASP A 10 -4.41 -23.83 2.44
C ASP A 10 -5.32 -23.62 3.63
N LYS A 11 -5.49 -24.64 4.46
CA LYS A 11 -6.34 -24.50 5.64
C LYS A 11 -5.73 -23.52 6.64
N ALA A 12 -4.41 -23.56 6.81
CA ALA A 12 -3.78 -22.69 7.78
C ALA A 12 -3.98 -21.22 7.34
N PHE A 13 -3.82 -20.97 6.05
CA PHE A 13 -3.93 -19.61 5.53
C PHE A 13 -5.37 -19.10 5.66
N ILE A 14 -6.36 -19.89 5.24
CA ILE A 14 -7.72 -19.36 5.33
C ILE A 14 -8.15 -19.27 6.81
N THR A 15 -7.62 -20.13 7.68
CA THR A 15 -7.88 -20.01 9.13
C THR A 15 -7.37 -18.68 9.68
N VAL A 16 -6.16 -18.29 9.30
CA VAL A 16 -5.64 -17.00 9.73
C VAL A 16 -6.57 -15.88 9.29
N LEU A 17 -6.95 -15.86 8.02
CA LEU A 17 -7.79 -14.78 7.55
C LEU A 17 -9.18 -14.82 8.16
N GLU A 18 -9.76 -16.01 8.31
CA GLU A 18 -11.10 -16.08 8.85
C GLU A 18 -11.16 -15.62 10.31
N MET A 19 -10.12 -15.91 11.06
CA MET A 19 -10.09 -15.70 12.52
CA MET A 19 -10.14 -15.68 12.50
C MET A 19 -9.55 -14.33 12.93
N THR A 20 -8.87 -13.66 12.01
CA THR A 20 -8.31 -12.35 12.30
C THR A 20 -9.37 -11.28 12.27
N PRO A 21 -9.38 -10.37 13.27
CA PRO A 21 -10.41 -9.34 13.29
C PRO A 21 -10.05 -8.15 12.42
N VAL A 22 -11.06 -7.32 12.12
CA VAL A 22 -10.81 -6.02 11.49
C VAL A 22 -10.84 -5.02 12.62
N LEU A 23 -9.80 -4.19 12.72
CA LEU A 23 -9.70 -3.23 13.78
C LEU A 23 -10.74 -2.14 13.64
N GLY A 24 -10.97 -1.44 14.75
CA GLY A 24 -11.93 -0.35 14.76
C GLY A 24 -11.41 0.85 14.01
N THR A 25 -12.16 1.94 14.06
CA THR A 25 -11.84 3.12 13.26
C THR A 25 -11.37 4.27 14.12
N GLU A 26 -10.77 5.24 13.45
CA GLU A 26 -10.35 6.47 14.07
C GLU A 26 -10.33 7.57 13.03
N ILE A 27 -10.33 8.80 13.50
CA ILE A 27 -10.23 9.93 12.59
C ILE A 27 -8.80 10.38 12.51
N ILE A 28 -8.31 10.54 11.28
CA ILE A 28 -6.95 11.01 11.07
C ILE A 28 -6.93 12.23 10.19
N ASN A 29 -5.81 12.95 10.23
CA ASN A 29 -5.56 14.01 9.25
C ASN A 29 -5.24 13.37 7.92
N TYR A 30 -5.74 13.96 6.85
CA TYR A 30 -5.60 13.34 5.54
C TYR A 30 -4.10 13.12 5.16
N ARG A 31 -3.18 13.94 5.66
CA ARG A 31 -1.76 13.80 5.33
C ARG A 31 -1.15 12.53 5.89
N ASP A 32 -1.84 11.97 6.88
CA ASP A 32 -1.42 10.73 7.50
C ASP A 32 -2.10 9.51 6.87
N GLY A 33 -2.75 9.71 5.72
CA GLY A 33 -3.58 8.67 5.12
C GLY A 33 -2.88 7.58 4.34
N MET A 34 -1.57 7.68 4.13
CA MET A 34 -0.88 6.71 3.28
C MET A 34 -1.04 5.30 3.83
N GLY A 35 -1.59 4.43 3.00
CA GLY A 35 -1.77 3.04 3.33
C GLY A 35 -3.02 2.75 4.15
N ARG A 36 -3.75 3.80 4.53
CA ARG A 36 -4.94 3.64 5.35
C ARG A 36 -6.11 3.27 4.46
N VAL A 37 -7.10 2.62 5.06
CA VAL A 37 -8.33 2.29 4.37
C VAL A 37 -9.44 3.17 4.91
N LEU A 38 -10.13 3.86 4.01
CA LEU A 38 -11.26 4.69 4.41
C LEU A 38 -12.39 3.88 5.00
N ALA A 39 -12.93 4.39 6.09
CA ALA A 39 -14.05 3.76 6.75
C ALA A 39 -15.30 4.62 6.60
N GLN A 40 -15.23 5.59 5.69
CA GLN A 40 -16.36 6.46 5.37
C GLN A 40 -16.32 6.73 3.87
N ASP A 41 -17.48 7.00 3.29
CA ASP A 41 -17.52 7.65 2.00
C ASP A 41 -17.12 9.10 2.14
N VAL A 42 -16.49 9.64 1.09
CA VAL A 42 -16.09 11.04 1.09
C VAL A 42 -16.77 11.78 -0.05
N TYR A 43 -17.38 12.91 0.31
CA TYR A 43 -18.12 13.73 -0.64
C TYR A 43 -17.49 15.08 -0.88
N ALA A 44 -17.65 15.57 -2.11
CA ALA A 44 -17.23 16.93 -2.45
C ALA A 44 -18.26 17.92 -1.96
N LYS A 45 -17.82 19.01 -1.33
CA LYS A 45 -18.74 20.05 -0.90
C LYS A 45 -18.71 21.25 -1.84
N ASP A 46 -17.80 21.19 -2.81
CA ASP A 46 -17.63 22.23 -3.82
C ASP A 46 -17.53 21.63 -5.20
N ASN A 47 -17.82 22.43 -6.21
CA ASN A 47 -17.52 22.08 -7.59
C ASN A 47 -16.03 22.26 -7.92
N LEU A 48 -15.55 21.40 -8.82
CA LEU A 48 -14.22 21.57 -9.44
C LEU A 48 -14.38 21.50 -10.95
N PRO A 49 -14.00 22.57 -11.67
CA PRO A 49 -13.60 23.86 -11.09
C PRO A 49 -14.83 24.53 -10.50
N PRO A 50 -14.63 25.48 -9.57
CA PRO A 50 -15.77 26.15 -8.93
C PRO A 50 -16.25 27.35 -9.73
N PHE A 51 -15.46 27.72 -10.73
CA PHE A 51 -15.77 28.77 -11.69
C PHE A 51 -15.49 28.19 -13.09
N PRO A 52 -16.09 28.73 -14.14
CA PRO A 52 -15.70 28.26 -15.48
C PRO A 52 -14.26 28.65 -15.73
N ALA A 53 -13.44 27.68 -16.11
CA ALA A 53 -12.01 27.87 -16.19
C ALA A 53 -11.46 27.65 -17.60
N SER A 54 -10.54 28.51 -17.99
CA SER A 54 -9.89 28.35 -19.28
C SER A 54 -8.98 27.12 -19.27
N VAL A 55 -9.04 26.36 -20.36
CA VAL A 55 -8.17 25.23 -20.58
C VAL A 55 -6.84 25.70 -21.14
N LYS A 56 -6.85 26.90 -21.72
CA LYS A 56 -5.71 27.39 -22.50
C LYS A 56 -5.24 28.79 -22.15
N ASP A 57 -3.99 29.06 -22.48
CA ASP A 57 -3.54 30.43 -22.66
C ASP A 57 -4.11 30.94 -23.96
N GLY A 58 -4.75 32.08 -23.87
CA GLY A 58 -5.33 32.68 -25.05
C GLY A 58 -6.28 33.80 -24.68
N TYR A 59 -7.46 33.77 -25.30
CA TYR A 59 -8.45 34.84 -25.13
C TYR A 59 -9.82 34.27 -24.95
N ALA A 60 -10.54 34.82 -23.97
CA ALA A 60 -11.96 34.59 -23.82
C ALA A 60 -12.70 35.48 -24.82
N VAL A 61 -13.53 34.86 -25.65
CA VAL A 61 -14.19 35.55 -26.74
C VAL A 61 -15.69 35.28 -26.73
N ARG A 62 -16.40 36.03 -27.54
CA ARG A 62 -17.76 35.69 -27.94
C ARG A 62 -17.68 34.94 -29.25
N ALA A 63 -18.16 33.69 -29.27
CA ALA A 63 -18.06 32.86 -30.45
C ALA A 63 -18.85 33.48 -31.61
N ALA A 64 -19.95 34.16 -31.25
CA ALA A 64 -20.80 34.77 -32.27
C ALA A 64 -20.09 35.92 -33.00
N ASP A 65 -19.01 36.45 -32.44
CA ASP A 65 -18.26 37.49 -33.15
C ASP A 65 -17.51 36.90 -34.35
N GLY A 66 -17.23 35.61 -34.30
CA GLY A 66 -16.43 34.95 -35.31
C GLY A 66 -15.00 35.46 -35.30
N PRO A 67 -14.24 35.14 -36.35
CA PRO A 67 -12.86 35.65 -36.42
C PRO A 67 -12.85 37.13 -36.71
N GLY A 68 -11.74 37.79 -36.37
CA GLY A 68 -11.56 39.18 -36.71
C GLY A 68 -10.71 39.87 -35.70
N ASP A 69 -10.69 41.20 -35.77
CA ASP A 69 -9.81 42.02 -34.97
C ASP A 69 -10.57 42.53 -33.76
N ARG A 70 -9.94 42.37 -32.60
CA ARG A 70 -10.60 42.60 -31.31
C ARG A 70 -9.78 43.44 -30.35
N PHE A 71 -10.48 44.30 -29.62
CA PHE A 71 -9.91 45.04 -28.52
C PHE A 71 -9.85 44.13 -27.33
N ILE A 72 -8.68 44.08 -26.71
CA ILE A 72 -8.44 43.36 -25.48
C ILE A 72 -8.78 44.27 -24.31
N ILE A 73 -9.82 43.95 -23.53
CA ILE A 73 -10.26 44.88 -22.50
C ILE A 73 -9.59 44.64 -21.18
N GLY A 74 -8.76 43.60 -21.09
CA GLY A 74 -8.12 43.25 -19.85
C GLY A 74 -7.61 41.82 -19.83
N GLU A 75 -7.17 41.37 -18.66
CA GLU A 75 -6.70 40.01 -18.47
C GLU A 75 -7.42 39.41 -17.27
N SER A 76 -7.80 38.14 -17.40
CA SER A 76 -8.32 37.39 -16.27
C SER A 76 -7.14 36.67 -15.67
N GLN A 77 -6.86 36.99 -14.42
CA GLN A 77 -5.69 36.51 -13.71
C GLN A 77 -6.07 35.31 -12.86
N ALA A 78 -5.19 34.32 -12.78
CA ALA A 78 -5.32 33.24 -11.79
C ALA A 78 -5.64 33.84 -10.41
N GLY A 79 -6.72 33.36 -9.79
CA GLY A 79 -6.99 33.72 -8.41
C GLY A 79 -7.87 34.93 -8.25
N GLU A 80 -8.26 35.55 -9.37
CA GLU A 80 -9.11 36.73 -9.34
C GLU A 80 -10.37 36.52 -10.17
N GLN A 81 -11.52 36.79 -9.57
CA GLN A 81 -12.78 36.84 -10.29
C GLN A 81 -12.77 38.11 -11.16
N PRO A 82 -12.97 37.97 -12.48
CA PRO A 82 -12.94 39.20 -13.30
C PRO A 82 -14.13 40.15 -13.03
N THR A 83 -13.83 41.44 -13.21
CA THR A 83 -14.76 42.57 -13.06
C THR A 83 -15.62 42.78 -14.29
N GLN A 84 -14.95 42.68 -15.43
CA GLN A 84 -15.47 43.21 -16.67
C GLN A 84 -16.31 42.20 -17.42
N THR A 85 -17.25 42.72 -18.20
CA THR A 85 -18.05 41.90 -19.06
C THR A 85 -17.46 42.09 -20.45
N VAL A 86 -17.16 40.99 -21.12
CA VAL A 86 -16.75 41.03 -22.52
C VAL A 86 -17.94 41.35 -23.43
N MET A 87 -17.83 42.43 -24.20
CA MET A 87 -18.87 42.85 -25.13
C MET A 87 -18.50 42.48 -26.56
N PRO A 88 -19.47 42.52 -27.48
CA PRO A 88 -19.17 42.24 -28.90
C PRO A 88 -17.99 43.06 -29.40
N GLY A 89 -17.03 42.41 -30.05
CA GLY A 89 -15.85 43.07 -30.57
C GLY A 89 -14.69 43.14 -29.59
N GLN A 90 -14.88 42.52 -28.44
CA GLN A 90 -13.89 42.57 -27.38
C GLN A 90 -13.49 41.18 -27.00
N VAL A 91 -12.32 41.07 -26.37
CA VAL A 91 -11.90 39.81 -25.78
C VAL A 91 -11.17 40.14 -24.48
N MET A 92 -10.95 39.11 -23.66
CA MET A 92 -10.13 39.24 -22.47
C MET A 92 -9.04 38.19 -22.52
N ARG A 93 -7.81 38.59 -22.24
CA ARG A 93 -6.73 37.62 -22.20
C ARG A 93 -7.00 36.63 -21.07
N VAL A 94 -6.68 35.35 -21.30
CA VAL A 94 -6.79 34.35 -20.25
C VAL A 94 -5.54 33.49 -20.23
N THR A 95 -5.27 32.90 -19.06
CA THR A 95 -4.25 31.89 -18.93
C THR A 95 -4.91 30.61 -18.47
N THR A 96 -4.19 29.52 -18.56
CA THR A 96 -4.77 28.25 -18.19
C THR A 96 -5.21 28.28 -16.73
N GLY A 97 -6.45 27.87 -16.48
CA GLY A 97 -6.99 27.85 -15.14
C GLY A 97 -7.69 29.13 -14.67
N ALA A 98 -7.62 30.19 -15.48
CA ALA A 98 -8.16 31.46 -15.07
C ALA A 98 -9.66 31.44 -15.27
N PRO A 99 -10.39 32.25 -14.50
CA PRO A 99 -11.85 32.29 -14.68
C PRO A 99 -12.24 32.97 -15.97
N ILE A 100 -13.30 32.45 -16.59
CA ILE A 100 -13.85 33.07 -17.78
C ILE A 100 -14.75 34.24 -17.36
N PRO A 101 -14.52 35.42 -17.91
CA PRO A 101 -15.33 36.59 -17.56
C PRO A 101 -16.74 36.48 -18.06
N CYS A 102 -17.63 37.23 -17.44
CA CYS A 102 -18.98 37.41 -17.96
CA CYS A 102 -18.98 37.39 -17.97
C CYS A 102 -18.89 37.95 -19.39
N GLY A 103 -19.74 37.43 -20.27
CA GLY A 103 -19.82 37.95 -21.63
C GLY A 103 -19.18 37.02 -22.63
N ALA A 104 -18.19 36.26 -22.17
CA ALA A 104 -17.47 35.35 -23.06
C ALA A 104 -18.03 33.97 -22.95
N ASP A 105 -17.96 33.21 -24.04
CA ASP A 105 -18.53 31.87 -24.05
CA ASP A 105 -18.55 31.88 -24.09
C ASP A 105 -17.60 30.87 -24.70
N ALA A 106 -16.39 31.30 -25.05
CA ALA A 106 -15.42 30.37 -25.63
C ALA A 106 -14.02 30.91 -25.39
N VAL A 107 -13.02 30.04 -25.45
CA VAL A 107 -11.64 30.46 -25.38
C VAL A 107 -10.98 30.09 -26.69
N VAL A 108 -10.24 31.03 -27.27
CA VAL A 108 -9.42 30.77 -28.45
C VAL A 108 -7.98 30.75 -27.98
N GLN A 109 -7.28 29.66 -28.28
CA GLN A 109 -5.93 29.51 -27.79
C GLN A 109 -5.01 30.49 -28.52
N VAL A 110 -3.94 30.90 -27.86
CA VAL A 110 -3.11 31.96 -28.39
C VAL A 110 -2.50 31.62 -29.76
N GLU A 111 -2.25 30.34 -30.02
CA GLU A 111 -1.69 29.94 -31.32
C GLU A 111 -2.64 30.23 -32.49
N ASP A 112 -3.93 30.39 -32.22
CA ASP A 112 -4.91 30.72 -33.24
C ASP A 112 -5.22 32.22 -33.27
N THR A 113 -4.23 33.01 -32.87
CA THR A 113 -4.35 34.46 -32.85
C THR A 113 -3.06 35.10 -33.31
N GLU A 114 -3.13 36.38 -33.63
CA GLU A 114 -1.96 37.19 -33.92
C GLU A 114 -2.15 38.52 -33.25
N LEU A 115 -1.13 38.96 -32.54
CA LEU A 115 -1.24 40.21 -31.81
CA LEU A 115 -1.17 40.23 -31.82
C LEU A 115 -1.14 41.39 -32.79
N ILE A 116 -2.02 42.37 -32.62
CA ILE A 116 -2.04 43.56 -33.48
C ILE A 116 -1.31 44.74 -32.84
N ARG A 117 -1.63 45.03 -31.58
CA ARG A 117 -1.08 46.20 -30.89
CA ARG A 117 -1.11 46.20 -30.89
C ARG A 117 -0.80 45.89 -29.42
N GLU A 118 0.29 46.42 -28.93
CA GLU A 118 0.64 46.30 -27.52
C GLU A 118 0.97 47.68 -27.03
N SER A 119 1.09 47.82 -25.71
CA SER A 119 1.49 49.11 -25.13
C SER A 119 2.90 49.47 -25.58
N ASP A 120 3.23 50.75 -25.49
CA ASP A 120 4.55 51.26 -25.86
C ASP A 120 5.69 50.55 -25.12
N ASP A 121 5.47 50.16 -23.87
CA ASP A 121 6.51 49.45 -23.11
C ASP A 121 6.42 47.95 -23.29
N GLY A 122 5.45 47.52 -24.09
CA GLY A 122 5.33 46.12 -24.43
C GLY A 122 4.80 45.21 -23.33
N THR A 123 4.27 45.76 -22.24
CA THR A 123 3.82 44.92 -21.14
C THR A 123 2.33 44.58 -21.20
N GLU A 124 1.59 45.31 -22.01
CA GLU A 124 0.15 45.10 -22.11
C GLU A 124 -0.27 44.91 -23.56
N GLU A 125 -1.05 43.87 -23.82
CA GLU A 125 -1.63 43.60 -25.13
C GLU A 125 -2.91 44.38 -25.27
N LEU A 126 -3.09 45.04 -26.42
CA LEU A 126 -4.23 45.95 -26.63
C LEU A 126 -5.23 45.48 -27.68
N GLU A 127 -4.74 44.86 -28.74
CA GLU A 127 -5.60 44.43 -29.84
C GLU A 127 -5.07 43.13 -30.43
N VAL A 128 -5.98 42.22 -30.75
CA VAL A 128 -5.59 40.92 -31.26
C VAL A 128 -6.49 40.48 -32.40
N ARG A 129 -5.88 39.73 -33.32
CA ARG A 129 -6.63 39.09 -34.39
C ARG A 129 -6.94 37.66 -34.04
N ILE A 130 -8.24 37.34 -34.00
CA ILE A 130 -8.73 35.99 -33.77
C ILE A 130 -8.88 35.29 -35.12
N LEU A 131 -8.13 34.21 -35.35
CA LEU A 131 -8.04 33.64 -36.70
C LEU A 131 -9.05 32.56 -36.99
N VAL A 132 -9.73 32.10 -35.94
CA VAL A 132 -10.62 30.95 -36.11
C VAL A 132 -12.02 31.28 -35.64
N GLN A 133 -12.95 30.44 -36.09
CA GLN A 133 -14.32 30.46 -35.58
C GLN A 133 -14.37 29.56 -34.36
N ALA A 134 -14.54 30.13 -33.17
CA ALA A 134 -14.64 29.31 -31.97
C ALA A 134 -15.98 28.59 -31.95
N ARG A 135 -15.97 27.35 -31.48
CA ARG A 135 -17.21 26.64 -31.12
C ARG A 135 -17.67 27.12 -29.74
N PRO A 136 -18.99 27.35 -29.54
CA PRO A 136 -19.32 27.78 -28.17
C PRO A 136 -18.87 26.75 -27.13
N GLY A 137 -18.36 27.24 -26.01
CA GLY A 137 -17.85 26.38 -24.96
C GLY A 137 -16.44 25.89 -25.15
N GLN A 138 -15.84 26.21 -26.29
N GLN A 138 -15.82 26.14 -26.31
CA GLN A 138 -14.53 25.68 -26.62
CA GLN A 138 -14.56 25.48 -26.58
C GLN A 138 -13.47 26.07 -25.60
C GLN A 138 -13.50 26.02 -25.62
N ASP A 139 -12.66 25.09 -25.16
CA ASP A 139 -11.53 25.35 -24.27
C ASP A 139 -11.93 26.03 -22.96
N ILE A 140 -13.11 25.68 -22.48
CA ILE A 140 -13.58 26.08 -21.17
C ILE A 140 -13.99 24.84 -20.38
N ARG A 141 -13.50 24.74 -19.16
CA ARG A 141 -14.02 23.77 -18.18
C ARG A 141 -15.18 24.40 -17.42
N PRO A 142 -16.41 23.96 -17.70
CA PRO A 142 -17.56 24.51 -16.97
C PRO A 142 -17.50 24.18 -15.48
N ILE A 143 -18.19 24.97 -14.66
CA ILE A 143 -18.31 24.64 -13.24
C ILE A 143 -18.71 23.18 -13.09
N GLY A 144 -17.96 22.46 -12.26
CA GLY A 144 -18.30 21.11 -11.88
C GLY A 144 -17.93 20.09 -12.91
N HIS A 145 -17.19 20.50 -13.95
CA HIS A 145 -16.80 19.58 -15.02
C HIS A 145 -16.10 18.35 -14.48
N ASP A 146 -15.25 18.56 -13.48
CA ASP A 146 -14.40 17.47 -12.98
C ASP A 146 -14.98 16.80 -11.76
N ILE A 147 -15.51 17.60 -10.85
CA ILE A 147 -16.12 17.13 -9.62
C ILE A 147 -17.31 18.01 -9.36
N LYS A 148 -18.43 17.39 -9.05
CA LYS A 148 -19.64 18.14 -8.70
C LYS A 148 -19.87 18.16 -7.23
N ARG A 149 -20.36 19.29 -6.73
CA ARG A 149 -20.77 19.37 -5.34
C ARG A 149 -21.77 18.25 -5.05
N GLY A 150 -21.56 17.53 -3.97
CA GLY A 150 -22.39 16.41 -3.58
C GLY A 150 -21.98 15.05 -4.14
N GLU A 151 -20.99 15.03 -5.04
CA GLU A 151 -20.52 13.80 -5.63
C GLU A 151 -19.70 13.01 -4.60
N CYS A 152 -19.90 11.69 -4.55
CA CYS A 152 -19.00 10.84 -3.77
C CYS A 152 -17.73 10.64 -4.57
N VAL A 153 -16.60 11.11 -4.04
CA VAL A 153 -15.35 11.03 -4.76
C VAL A 153 -14.46 9.88 -4.30
N LEU A 154 -14.68 9.39 -3.08
CA LEU A 154 -13.97 8.22 -2.57
C LEU A 154 -14.93 7.41 -1.77
N ALA A 155 -14.93 6.09 -1.99
CA ALA A 155 -15.81 5.19 -1.30
C ALA A 155 -15.11 4.57 -0.10
N LYS A 156 -15.88 4.29 0.94
CA LYS A 156 -15.37 3.47 2.01
C LYS A 156 -14.83 2.18 1.44
N GLY A 157 -13.70 1.74 1.99
CA GLY A 157 -13.01 0.55 1.54
C GLY A 157 -11.79 0.87 0.70
N THR A 158 -11.66 2.13 0.30
CA THR A 158 -10.55 2.54 -0.55
C THR A 158 -9.24 2.54 0.24
N HIS A 159 -8.25 1.87 -0.32
CA HIS A 159 -6.90 1.78 0.24
C HIS A 159 -6.05 2.88 -0.38
N MET A 160 -5.75 3.92 0.40
CA MET A 160 -5.23 5.16 -0.13
C MET A 160 -3.74 5.22 -0.38
N GLY A 161 -3.45 5.83 -1.53
CA GLY A 161 -2.10 6.21 -1.90
C GLY A 161 -2.05 7.72 -2.15
N PRO A 162 -0.93 8.19 -2.71
CA PRO A 162 -0.75 9.63 -2.86
C PRO A 162 -1.87 10.32 -3.63
N SER A 163 -2.40 9.69 -4.67
CA SER A 163 -3.43 10.34 -5.47
C SER A 163 -4.74 10.52 -4.67
N GLU A 164 -5.07 9.56 -3.81
CA GLU A 164 -6.24 9.71 -2.95
C GLU A 164 -6.02 10.85 -1.92
N ILE A 165 -4.82 10.98 -1.39
N ILE A 165 -4.81 10.98 -1.40
CA ILE A 165 -4.52 12.07 -0.47
CA ILE A 165 -4.52 12.07 -0.47
C ILE A 165 -4.77 13.38 -1.22
C ILE A 165 -4.67 13.40 -1.18
N GLY A 166 -4.24 13.44 -2.44
CA GLY A 166 -4.43 14.62 -3.29
C GLY A 166 -5.88 14.96 -3.55
N LEU A 167 -6.70 13.94 -3.69
CA LEU A 167 -8.12 14.12 -3.91
C LEU A 167 -8.77 14.67 -2.62
N LEU A 168 -8.39 14.14 -1.47
CA LEU A 168 -8.85 14.72 -0.20
C LEU A 168 -8.49 16.19 -0.10
N ALA A 169 -7.26 16.54 -0.44
CA ALA A 169 -6.83 17.93 -0.42
C ALA A 169 -7.72 18.77 -1.34
N THR A 170 -7.95 18.25 -2.54
CA THR A 170 -8.75 18.93 -3.56
C THR A 170 -10.12 19.30 -3.03
N VAL A 171 -10.79 18.34 -2.40
CA VAL A 171 -12.16 18.58 -1.96
C VAL A 171 -12.24 19.15 -0.54
N GLY A 172 -11.09 19.39 0.09
CA GLY A 172 -11.04 20.02 1.40
C GLY A 172 -11.50 19.14 2.56
N VAL A 173 -11.45 17.82 2.36
CA VAL A 173 -11.80 16.88 3.43
C VAL A 173 -10.48 16.41 4.08
N THR A 174 -10.09 17.18 5.09
CA THR A 174 -8.79 17.09 5.71
C THR A 174 -8.76 16.17 6.92
N GLU A 175 -9.94 15.76 7.37
CA GLU A 175 -10.09 14.78 8.45
CA GLU A 175 -10.00 14.72 8.39
C GLU A 175 -10.95 13.63 7.94
N VAL A 176 -10.48 12.38 8.08
CA VAL A 176 -11.24 11.22 7.60
C VAL A 176 -11.21 10.07 8.54
N GLU A 177 -12.29 9.29 8.52
CA GLU A 177 -12.37 8.06 9.28
CA GLU A 177 -12.40 8.04 9.26
C GLU A 177 -11.71 6.92 8.48
N VAL A 178 -10.85 6.21 9.17
CA VAL A 178 -10.08 5.10 8.64
C VAL A 178 -10.00 4.00 9.66
N ASN A 179 -9.69 2.81 9.21
CA ASN A 179 -9.34 1.76 10.16
C ASN A 179 -8.01 2.04 10.82
N LYS A 180 -7.92 1.66 12.08
CA LYS A 180 -6.67 1.72 12.79
C LYS A 180 -5.66 0.77 12.16
N PHE A 181 -4.38 1.06 12.36
CA PHE A 181 -3.34 0.10 12.06
C PHE A 181 -3.07 -0.79 13.25
N PRO A 182 -2.68 -2.03 12.99
CA PRO A 182 -2.35 -2.88 14.12
C PRO A 182 -1.01 -2.50 14.73
N VAL A 183 -0.97 -2.52 16.06
CA VAL A 183 0.28 -2.41 16.81
C VAL A 183 0.80 -3.84 17.02
N VAL A 184 2.05 -4.09 16.58
CA VAL A 184 2.59 -5.44 16.54
C VAL A 184 3.80 -5.53 17.46
N ALA A 185 3.68 -6.39 18.47
CA ALA A 185 4.73 -6.65 19.44
C ALA A 185 5.52 -7.87 18.97
N VAL A 186 6.84 -7.80 19.07
CA VAL A 186 7.69 -8.90 18.63
C VAL A 186 8.63 -9.29 19.79
N MET A 187 8.69 -10.57 20.09
CA MET A 187 9.66 -11.09 21.07
C MET A 187 10.39 -12.25 20.46
N SER A 188 11.61 -12.41 20.93
CA SER A 188 12.39 -13.59 20.66
C SER A 188 12.43 -14.45 21.91
N THR A 189 12.64 -15.74 21.71
CA THR A 189 12.74 -16.66 22.83
C THR A 189 13.98 -17.51 22.72
N GLY A 190 14.59 -17.80 23.85
CA GLY A 190 15.67 -18.77 23.88
C GLY A 190 16.77 -18.37 24.84
N ASN A 191 17.23 -19.34 25.62
CA ASN A 191 18.35 -19.09 26.51
C ASN A 191 19.66 -18.89 25.79
N GLU A 192 19.73 -19.26 24.53
CA GLU A 192 20.94 -19.13 23.75
C GLU A 192 21.12 -17.75 23.13
N LEU A 193 20.14 -16.86 23.27
CA LEU A 193 20.17 -15.63 22.52
C LEU A 193 20.78 -14.43 23.26
N LEU A 194 21.59 -13.71 22.50
CA LEU A 194 22.19 -12.46 22.92
C LEU A 194 21.63 -11.34 22.06
N ASN A 195 21.78 -10.12 22.55
CA ASN A 195 21.36 -9.00 21.76
C ASN A 195 22.34 -8.76 20.62
N PRO A 196 21.85 -8.15 19.56
CA PRO A 196 22.78 -7.82 18.46
C PRO A 196 24.01 -7.04 18.92
N GLU A 197 23.83 -6.18 19.91
CA GLU A 197 24.90 -5.35 20.48
C GLU A 197 25.92 -6.12 21.29
N ASP A 198 25.65 -7.37 21.61
CA ASP A 198 26.57 -8.11 22.49
C ASP A 198 27.70 -8.80 21.74
N ASP A 199 28.84 -8.87 22.40
CA ASP A 199 29.85 -9.84 22.00
C ASP A 199 29.37 -11.25 22.35
N LEU A 200 29.81 -12.25 21.59
CA LEU A 200 29.41 -13.61 21.87
C LEU A 200 30.00 -14.13 23.19
N LEU A 201 29.22 -15.00 23.82
CA LEU A 201 29.62 -15.75 25.00
C LEU A 201 29.48 -17.22 24.65
N PRO A 202 30.14 -18.10 25.41
CA PRO A 202 30.05 -19.52 25.05
C PRO A 202 28.62 -20.06 25.00
N GLY A 203 28.32 -20.79 23.93
CA GLY A 203 27.03 -21.46 23.80
C GLY A 203 25.95 -20.56 23.24
N LYS A 204 26.32 -19.32 22.91
CA LYS A 204 25.33 -18.31 22.56
C LYS A 204 25.49 -17.78 21.14
N ILE A 205 24.37 -17.26 20.65
CA ILE A 205 24.32 -16.62 19.34
C ILE A 205 23.54 -15.32 19.44
N ARG A 206 23.63 -14.50 18.42
CA ARG A 206 22.85 -13.27 18.44
C ARG A 206 21.44 -13.50 17.90
N ASP A 207 20.51 -12.84 18.54
CA ASP A 207 19.13 -12.76 18.11
C ASP A 207 18.99 -11.97 16.82
N SER A 208 18.62 -12.63 15.74
CA SER A 208 18.38 -11.94 14.49
C SER A 208 16.90 -11.83 14.18
N ASN A 209 16.06 -12.79 14.60
CA ASN A 209 14.66 -12.78 14.19
C ASN A 209 13.94 -11.54 14.61
N ARG A 210 14.20 -11.06 15.81
CA ARG A 210 13.47 -9.87 16.28
C ARG A 210 13.70 -8.70 15.32
N SER A 211 14.97 -8.45 14.97
CA SER A 211 15.29 -7.41 13.98
C SER A 211 14.64 -7.64 12.62
N THR A 212 14.72 -8.88 12.13
CA THR A 212 14.20 -9.20 10.82
C THR A 212 12.66 -9.06 10.78
N LEU A 213 12.02 -9.55 11.82
CA LEU A 213 10.56 -9.48 11.90
C LEU A 213 10.08 -8.07 12.12
N LEU A 214 10.74 -7.33 13.00
CA LEU A 214 10.34 -5.94 13.22
C LEU A 214 10.49 -5.15 11.93
N ALA A 215 11.58 -5.40 11.21
CA ALA A 215 11.80 -4.65 9.97
C ALA A 215 10.77 -5.03 8.90
N THR A 216 10.40 -6.29 8.85
CA THR A 216 9.38 -6.75 7.90
C THR A 216 8.06 -6.06 8.18
N ILE A 217 7.70 -5.95 9.45
CA ILE A 217 6.43 -5.33 9.80
C ILE A 217 6.48 -3.83 9.55
N GLN A 218 7.59 -3.21 9.92
CA GLN A 218 7.75 -1.79 9.69
C GLN A 218 7.72 -1.42 8.23
N GLU A 219 8.25 -2.31 7.38
CA GLU A 219 8.24 -2.07 5.93
CA GLU A 219 8.23 -2.16 5.92
C GLU A 219 6.83 -1.93 5.38
N HIS A 220 5.86 -2.58 6.03
CA HIS A 220 4.45 -2.48 5.64
C HIS A 220 3.71 -1.34 6.33
N GLY A 221 4.42 -0.55 7.13
CA GLY A 221 3.87 0.68 7.69
C GLY A 221 3.25 0.60 9.06
N TYR A 222 3.38 -0.55 9.73
CA TYR A 222 2.67 -0.74 10.98
C TYR A 222 3.55 -0.46 12.16
N PRO A 223 2.97 0.12 13.21
CA PRO A 223 3.73 0.41 14.44
C PRO A 223 4.10 -0.85 15.15
N THR A 224 5.29 -0.83 15.75
CA THR A 224 5.80 -2.02 16.42
C THR A 224 6.24 -1.76 17.85
N ILE A 225 6.33 -2.86 18.58
CA ILE A 225 6.83 -2.83 19.96
C ILE A 225 7.83 -3.94 20.11
N ASN A 226 9.00 -3.60 20.63
CA ASN A 226 10.09 -4.56 20.78
C ASN A 226 10.04 -5.14 22.17
N LEU A 227 9.69 -6.43 22.31
CA LEU A 227 9.56 -7.03 23.63
C LEU A 227 10.81 -7.77 24.08
N GLY A 228 11.87 -7.71 23.31
CA GLY A 228 13.13 -8.25 23.78
C GLY A 228 13.26 -9.74 23.64
N ILE A 229 14.22 -10.25 24.39
CA ILE A 229 14.52 -11.66 24.47
C ILE A 229 13.95 -12.22 25.74
N VAL A 230 13.23 -13.33 25.63
CA VAL A 230 12.59 -13.98 26.77
C VAL A 230 13.20 -15.36 26.91
N GLY A 231 13.56 -15.75 28.13
CA GLY A 231 14.16 -17.06 28.35
C GLY A 231 13.18 -18.22 28.21
N ASP A 232 13.73 -19.44 28.13
CA ASP A 232 12.93 -20.66 27.97
C ASP A 232 12.39 -21.09 29.30
N ASN A 233 11.49 -20.31 29.85
CA ASN A 233 10.71 -20.80 30.97
C ASN A 233 9.31 -20.21 30.99
N PRO A 234 8.35 -20.99 31.48
CA PRO A 234 6.95 -20.59 31.39
C PRO A 234 6.59 -19.26 32.07
N ASP A 235 7.14 -18.97 33.25
CA ASP A 235 6.77 -17.73 33.96
C ASP A 235 7.15 -16.48 33.14
N ASP A 236 8.40 -16.46 32.69
CA ASP A 236 8.90 -15.35 31.87
C ASP A 236 8.13 -15.24 30.57
N LEU A 237 7.80 -16.37 29.95
CA LEU A 237 7.05 -16.34 28.70
C LEU A 237 5.66 -15.78 28.93
N LEU A 238 5.01 -16.27 29.97
CA LEU A 238 3.68 -15.78 30.30
C LEU A 238 3.72 -14.28 30.56
N ASN A 239 4.70 -13.79 31.31
CA ASN A 239 4.77 -12.37 31.63
C ASN A 239 4.96 -11.53 30.37
N ALA A 240 5.80 -12.02 29.47
CA ALA A 240 6.08 -11.29 28.24
C ALA A 240 4.83 -11.29 27.34
N LEU A 241 4.12 -12.40 27.27
CA LEU A 241 2.90 -12.45 26.47
C LEU A 241 1.84 -11.49 27.03
N ASN A 242 1.72 -11.41 28.37
CA ASN A 242 0.76 -10.50 29.00
C ASN A 242 1.12 -9.05 28.70
N GLU A 243 2.41 -8.75 28.68
CA GLU A 243 2.84 -7.43 28.27
C GLU A 243 2.47 -7.13 26.83
N GLY A 244 2.74 -8.07 25.92
CA GLY A 244 2.34 -7.96 24.53
C GLY A 244 0.86 -7.74 24.35
N ILE A 245 0.06 -8.52 25.08
CA ILE A 245 -1.39 -8.40 25.03
C ILE A 245 -1.86 -7.02 25.45
N SER A 246 -1.24 -6.49 26.49
CA SER A 246 -1.62 -5.17 27.04
C SER A 246 -1.25 -4.05 26.05
N ARG A 247 -0.10 -4.19 25.40
CA ARG A 247 0.47 -3.07 24.61
C ARG A 247 0.16 -3.15 23.13
N ALA A 248 -0.33 -4.29 22.68
CA ALA A 248 -0.41 -4.52 21.25
C ALA A 248 -1.64 -5.31 20.80
N ASP A 249 -1.94 -5.23 19.50
CA ASP A 249 -3.03 -5.96 18.91
C ASP A 249 -2.63 -7.34 18.45
N VAL A 250 -1.34 -7.49 18.18
CA VAL A 250 -0.75 -8.68 17.59
C VAL A 250 0.55 -8.94 18.32
N ILE A 251 0.78 -10.20 18.68
CA ILE A 251 2.03 -10.63 19.30
C ILE A 251 2.66 -11.65 18.35
N ILE A 252 3.91 -11.38 17.96
CA ILE A 252 4.70 -12.32 17.18
C ILE A 252 5.83 -12.81 18.09
N THR A 253 5.94 -14.11 18.28
CA THR A 253 7.07 -14.71 18.95
C THR A 253 7.84 -15.51 17.89
N SER A 254 9.09 -15.81 18.16
CA SER A 254 9.75 -16.85 17.40
C SER A 254 10.48 -17.76 18.35
N GLY A 255 10.65 -19.01 17.90
CA GLY A 255 11.33 -20.01 18.69
C GLY A 255 10.41 -20.68 19.72
N GLY A 256 10.92 -21.70 20.38
CA GLY A 256 10.16 -22.35 21.44
C GLY A 256 8.96 -23.19 21.00
N VAL A 257 8.88 -23.50 19.71
CA VAL A 257 7.68 -24.18 19.16
C VAL A 257 7.96 -25.54 18.52
N SER A 258 9.19 -26.01 18.60
CA SER A 258 9.46 -27.36 18.16
C SER A 258 8.88 -28.33 19.16
N MET A 259 8.65 -29.56 18.74
CA MET A 259 8.37 -30.65 19.68
C MET A 259 9.67 -30.90 20.43
N GLY A 260 9.57 -31.27 21.70
CA GLY A 260 10.74 -31.65 22.45
C GLY A 260 11.02 -30.75 23.63
N GLU A 261 12.16 -31.01 24.27
CA GLU A 261 12.49 -30.44 25.56
C GLU A 261 12.47 -28.91 25.55
N LYS A 262 12.08 -28.34 26.68
CA LYS A 262 12.14 -26.89 26.96
C LYS A 262 11.59 -25.97 25.86
N ASP A 263 10.69 -26.49 25.02
CA ASP A 263 9.89 -25.67 24.13
C ASP A 263 8.50 -25.60 24.78
N TYR A 264 8.23 -24.48 25.47
CA TYR A 264 7.11 -24.32 26.39
C TYR A 264 5.96 -23.48 25.86
N LEU A 265 6.15 -22.86 24.70
CA LEU A 265 5.29 -21.74 24.34
C LEU A 265 3.84 -22.19 24.12
N LYS A 266 3.65 -23.30 23.43
CA LYS A 266 2.33 -23.82 23.11
C LYS A 266 1.57 -24.17 24.42
N GLN A 267 2.27 -24.78 25.39
CA GLN A 267 1.67 -25.02 26.71
C GLN A 267 1.26 -23.71 27.40
N VAL A 268 2.12 -22.71 27.33
CA VAL A 268 1.85 -21.47 28.03
C VAL A 268 0.64 -20.80 27.39
N LEU A 269 0.58 -20.82 26.06
CA LEU A 269 -0.53 -20.21 25.33
C LEU A 269 -1.86 -20.87 25.69
N ASP A 270 -1.85 -22.19 25.81
CA ASP A 270 -3.10 -22.92 26.05
C ASP A 270 -3.50 -22.86 27.53
N ILE A 271 -2.62 -23.33 28.41
CA ILE A 271 -2.94 -23.54 29.83
C ILE A 271 -2.90 -22.30 30.68
N ASP A 272 -1.92 -21.44 30.43
CA ASP A 272 -1.71 -20.26 31.26
C ASP A 272 -2.38 -19.03 30.70
N LEU A 273 -2.23 -18.82 29.39
CA LEU A 273 -2.82 -17.65 28.77
C LEU A 273 -4.29 -17.88 28.43
N HIS A 274 -4.70 -19.14 28.30
CA HIS A 274 -6.06 -19.52 27.92
C HIS A 274 -6.41 -19.04 26.50
N ALA A 275 -5.44 -19.08 25.61
CA ALA A 275 -5.67 -18.79 24.20
C ALA A 275 -6.15 -20.03 23.45
N GLN A 276 -6.81 -19.81 22.32
CA GLN A 276 -7.25 -20.87 21.43
C GLN A 276 -6.22 -21.06 20.32
N ILE A 277 -5.52 -22.18 20.35
CA ILE A 277 -4.55 -22.48 19.30
C ILE A 277 -5.29 -23.13 18.15
N HIS A 278 -5.34 -22.45 17.01
CA HIS A 278 -6.07 -22.94 15.85
C HIS A 278 -5.26 -23.92 15.00
N PHE A 279 -3.94 -23.75 14.94
CA PHE A 279 -3.06 -24.78 14.41
C PHE A 279 -1.70 -24.60 15.07
N GLY A 280 -0.99 -25.73 15.20
CA GLY A 280 0.29 -25.80 15.87
C GLY A 280 1.36 -26.43 14.98
N ARG A 281 0.94 -26.95 13.83
CA ARG A 281 1.88 -27.41 12.81
C ARG A 281 1.26 -27.17 11.47
N VAL A 282 2.10 -26.87 10.49
CA VAL A 282 1.66 -26.66 9.11
C VAL A 282 2.51 -27.52 8.17
N PHE A 283 1.85 -28.21 7.27
CA PHE A 283 2.53 -29.06 6.29
C PHE A 283 3.17 -28.15 5.21
N MET A 284 4.33 -27.61 5.53
CA MET A 284 5.01 -26.63 4.65
C MET A 284 6.51 -26.70 4.87
N LYS A 285 7.27 -26.23 3.88
CA LYS A 285 8.72 -26.25 3.96
C LYS A 285 9.30 -24.92 3.52
N PRO A 286 9.98 -24.20 4.42
CA PRO A 286 10.15 -24.41 5.85
C PRO A 286 8.86 -24.03 6.57
N GLY A 287 8.78 -24.29 7.87
CA GLY A 287 7.71 -23.71 8.67
C GLY A 287 6.84 -24.69 9.41
N LEU A 288 7.27 -25.95 9.50
CA LEU A 288 6.52 -26.99 10.18
CA LEU A 288 6.50 -26.99 10.17
C LEU A 288 5.89 -26.60 11.54
N PRO A 289 6.65 -25.94 12.43
CA PRO A 289 6.08 -25.74 13.78
C PRO A 289 5.26 -24.48 13.97
N THR A 290 4.96 -23.79 12.86
CA THR A 290 4.23 -22.52 12.92
C THR A 290 2.89 -22.66 13.65
N THR A 291 2.66 -21.74 14.59
CA THR A 291 1.51 -21.81 15.48
C THR A 291 0.73 -20.48 15.44
N PHE A 292 -0.60 -20.60 15.40
CA PHE A 292 -1.49 -19.47 15.34
C PHE A 292 -2.57 -19.60 16.40
N ALA A 293 -2.72 -18.54 17.18
CA ALA A 293 -3.69 -18.55 18.27
C ALA A 293 -4.41 -17.23 18.37
N THR A 294 -5.60 -17.29 18.92
CA THR A 294 -6.37 -16.09 19.23
C THR A 294 -6.73 -16.09 20.71
N LEU A 295 -6.92 -14.89 21.25
CA LEU A 295 -7.29 -14.71 22.65
C LEU A 295 -8.33 -13.59 22.70
N ASP A 296 -9.51 -13.92 23.22
CA ASP A 296 -10.61 -12.96 23.28
C ASP A 296 -10.72 -12.46 24.69
N ILE A 297 -10.49 -11.17 24.84
CA ILE A 297 -10.56 -10.48 26.13
C ILE A 297 -11.52 -9.31 26.06
N ASP A 298 -12.61 -9.37 26.83
CA ASP A 298 -13.51 -8.22 26.92
C ASP A 298 -13.96 -7.77 25.53
N GLY A 299 -14.34 -8.73 24.70
CA GLY A 299 -14.78 -8.41 23.36
C GLY A 299 -13.70 -7.83 22.45
N VAL A 300 -12.43 -8.06 22.79
CA VAL A 300 -11.32 -7.74 21.88
C VAL A 300 -10.58 -9.02 21.52
N ARG A 301 -10.30 -9.25 20.24
CA ARG A 301 -9.56 -10.42 19.81
C ARG A 301 -8.09 -10.06 19.54
N LYS A 302 -7.24 -10.65 20.35
CA LYS A 302 -5.79 -10.57 20.16
C LYS A 302 -5.35 -11.72 19.28
N ILE A 303 -4.38 -11.47 18.42
CA ILE A 303 -3.86 -12.57 17.63
CA ILE A 303 -3.82 -12.40 17.48
C ILE A 303 -2.38 -12.74 17.91
N ILE A 304 -2.02 -14.01 17.94
CA ILE A 304 -0.70 -14.46 18.33
C ILE A 304 -0.16 -15.39 17.29
N PHE A 305 1.01 -15.03 16.76
CA PHE A 305 1.74 -15.89 15.85
C PHE A 305 2.99 -16.35 16.56
N ALA A 306 3.13 -17.65 16.76
CA ALA A 306 4.32 -18.23 17.35
C ALA A 306 5.07 -18.92 16.21
N LEU A 307 6.02 -18.17 15.68
CA LEU A 307 6.75 -18.60 14.50
C LEU A 307 7.93 -19.48 14.84
N PRO A 308 8.40 -20.26 13.87
CA PRO A 308 9.58 -21.09 14.13
C PRO A 308 10.81 -20.28 14.48
N GLY A 309 11.71 -20.87 15.25
CA GLY A 309 12.93 -20.19 15.63
C GLY A 309 13.95 -20.06 14.50
N ASN A 310 13.97 -21.01 13.57
CA ASN A 310 14.96 -20.96 12.49
C ASN A 310 14.78 -19.62 11.76
N PRO A 311 15.87 -18.84 11.60
CA PRO A 311 15.65 -17.52 11.00
C PRO A 311 15.01 -17.49 9.62
N VAL A 312 15.35 -18.44 8.75
CA VAL A 312 14.77 -18.50 7.42
C VAL A 312 13.29 -18.83 7.56
N SER A 313 12.98 -19.80 8.40
CA SER A 313 11.57 -20.14 8.63
C SER A 313 10.77 -18.98 9.19
N ALA A 314 11.35 -18.25 10.14
CA ALA A 314 10.65 -17.15 10.77
C ALA A 314 10.30 -16.09 9.72
N VAL A 315 11.23 -15.73 8.83
CA VAL A 315 10.91 -14.64 7.90
C VAL A 315 9.93 -15.13 6.79
N VAL A 316 10.08 -16.38 6.39
CA VAL A 316 9.18 -16.94 5.39
C VAL A 316 7.74 -17.00 5.91
N THR A 317 7.55 -17.52 7.14
CA THR A 317 6.22 -17.66 7.69
C THR A 317 5.63 -16.30 8.05
N CYS A 318 6.48 -15.34 8.40
CA CYS A 318 5.98 -13.98 8.66
C CYS A 318 5.36 -13.40 7.41
N ASN A 319 6.02 -13.57 6.27
CA ASN A 319 5.46 -13.08 5.00
C ASN A 319 4.22 -13.83 4.54
N LEU A 320 4.18 -15.14 4.75
CA LEU A 320 3.04 -15.94 4.35
C LEU A 320 1.77 -15.76 5.21
N PHE A 321 1.94 -15.67 6.53
CA PHE A 321 0.80 -15.66 7.44
C PHE A 321 0.55 -14.32 8.14
N VAL A 322 1.61 -13.68 8.63
CA VAL A 322 1.44 -12.48 9.43
C VAL A 322 1.01 -11.27 8.58
N VAL A 323 1.74 -11.03 7.49
CA VAL A 323 1.45 -9.86 6.68
C VAL A 323 -0.01 -9.82 6.20
N PRO A 324 -0.53 -10.93 5.65
CA PRO A 324 -1.94 -10.89 5.27
C PRO A 324 -2.89 -10.65 6.43
N ALA A 325 -2.61 -11.22 7.59
CA ALA A 325 -3.42 -10.91 8.76
C ALA A 325 -3.40 -9.42 9.07
N LEU A 326 -2.21 -8.81 9.06
CA LEU A 326 -2.09 -7.40 9.38
C LEU A 326 -2.88 -6.55 8.39
N ARG A 327 -2.84 -6.95 7.12
CA ARG A 327 -3.60 -6.27 6.07
C ARG A 327 -5.09 -6.35 6.34
N LYS A 328 -5.55 -7.49 6.79
CA LYS A 328 -6.98 -7.59 7.13
C LYS A 328 -7.30 -6.69 8.34
N MET A 329 -6.43 -6.70 9.34
CA MET A 329 -6.67 -5.91 10.54
C MET A 329 -6.76 -4.40 10.23
N GLN A 330 -5.94 -3.93 9.30
CA GLN A 330 -5.97 -2.52 8.96
C GLN A 330 -7.05 -2.18 7.95
N GLY A 331 -7.97 -3.11 7.69
CA GLY A 331 -9.15 -2.79 6.93
C GLY A 331 -9.10 -3.07 5.43
N ILE A 332 -8.02 -3.66 4.95
CA ILE A 332 -7.95 -4.00 3.53
C ILE A 332 -8.96 -5.13 3.22
N LEU A 333 -9.86 -4.86 2.29
CA LEU A 333 -10.97 -5.78 2.08
C LEU A 333 -10.56 -7.15 1.56
N ASP A 334 -9.61 -7.16 0.61
CA ASP A 334 -9.01 -8.37 0.10
C ASP A 334 -7.54 -8.37 0.48
N PRO A 335 -7.23 -9.00 1.61
CA PRO A 335 -5.90 -8.88 2.22
C PRO A 335 -4.88 -9.85 1.65
N ARG A 336 -5.28 -10.61 0.63
CA ARG A 336 -4.37 -11.56 0.01
C ARG A 336 -3.16 -10.87 -0.61
N PRO A 337 -1.99 -11.46 -0.45
CA PRO A 337 -0.79 -10.91 -1.08
C PRO A 337 -0.87 -11.04 -2.59
N THR A 338 -0.18 -10.17 -3.29
CA THR A 338 -0.08 -10.28 -4.72
C THR A 338 0.86 -11.42 -5.13
N ILE A 339 0.34 -12.29 -5.99
CA ILE A 339 1.08 -13.42 -6.51
C ILE A 339 1.19 -13.26 -8.01
N ILE A 340 2.42 -13.34 -8.49
CA ILE A 340 2.68 -13.19 -9.90
C ILE A 340 3.29 -14.47 -10.46
N LYS A 341 3.34 -14.54 -11.79
CA LYS A 341 3.98 -15.66 -12.50
C LYS A 341 5.37 -15.27 -12.95
N ALA A 342 6.32 -16.17 -12.75
CA ALA A 342 7.69 -15.91 -13.10
C ALA A 342 8.33 -17.19 -13.57
N ARG A 343 9.44 -17.05 -14.29
CA ARG A 343 10.19 -18.20 -14.77
CA ARG A 343 10.21 -18.18 -14.78
C ARG A 343 11.33 -18.55 -13.82
N LEU A 344 11.39 -19.82 -13.44
CA LEU A 344 12.48 -20.33 -12.63
C LEU A 344 13.83 -20.15 -13.29
N SER A 345 14.78 -19.59 -12.55
N SER A 345 14.77 -19.58 -12.55
CA SER A 345 16.12 -19.36 -13.09
CA SER A 345 16.11 -19.35 -13.08
C SER A 345 17.02 -20.58 -12.95
C SER A 345 16.90 -20.65 -13.12
N CYS A 346 16.53 -21.62 -12.28
CA CYS A 346 17.27 -22.85 -12.05
CA CYS A 346 17.23 -22.88 -12.24
C CYS A 346 16.33 -24.04 -11.84
N ASP A 347 16.79 -25.25 -12.10
CA ASP A 347 16.05 -26.46 -11.77
C ASP A 347 15.83 -26.52 -10.26
N VAL A 348 14.71 -27.07 -9.83
CA VAL A 348 14.44 -27.25 -8.41
C VAL A 348 13.72 -28.57 -8.13
N LYS A 349 14.13 -29.22 -7.04
CA LYS A 349 13.52 -30.46 -6.62
C LYS A 349 12.31 -30.16 -5.74
N LEU A 350 11.18 -30.80 -6.04
CA LEU A 350 9.99 -30.63 -5.24
C LEU A 350 9.98 -31.56 -4.02
N ASP A 351 9.24 -31.14 -3.01
CA ASP A 351 9.13 -31.83 -1.73
C ASP A 351 7.71 -32.34 -1.61
N PRO A 352 7.47 -33.31 -0.72
CA PRO A 352 6.07 -33.67 -0.47
C PRO A 352 5.28 -32.48 0.06
N ARG A 353 5.98 -31.57 0.73
CA ARG A 353 5.36 -30.35 1.22
C ARG A 353 5.47 -29.24 0.19
N PRO A 354 4.46 -28.35 0.12
CA PRO A 354 4.69 -27.12 -0.64
C PRO A 354 5.86 -26.40 -0.02
N GLU A 355 6.75 -25.84 -0.85
CA GLU A 355 7.96 -25.23 -0.34
CA GLU A 355 7.90 -25.18 -0.27
C GLU A 355 8.11 -23.78 -0.82
N TYR A 356 8.78 -22.99 -0.01
CA TYR A 356 8.85 -21.57 -0.18
C TYR A 356 10.27 -21.09 -0.04
N HIS A 357 10.69 -20.14 -0.88
CA HIS A 357 12.03 -19.63 -0.77
C HIS A 357 12.08 -18.21 -1.29
N ARG A 358 12.81 -17.37 -0.56
CA ARG A 358 12.98 -15.98 -0.98
CA ARG A 358 12.96 -15.99 -0.99
C ARG A 358 13.67 -15.98 -2.32
N CYS A 359 13.34 -14.99 -3.13
CA CYS A 359 13.93 -14.88 -4.45
C CYS A 359 13.98 -13.43 -4.90
N ILE A 360 14.65 -13.25 -6.03
CA ILE A 360 14.73 -11.95 -6.67
C ILE A 360 14.04 -12.07 -8.00
N LEU A 361 13.12 -11.12 -8.22
CA LEU A 361 12.40 -10.99 -9.47
C LEU A 361 13.03 -9.92 -10.34
N THR A 362 13.29 -10.28 -11.59
CA THR A 362 13.95 -9.39 -12.54
C THR A 362 13.29 -9.53 -13.92
N TRP A 363 13.05 -8.41 -14.58
CA TRP A 363 12.61 -8.40 -15.98
C TRP A 363 13.81 -8.32 -16.94
N HIS A 364 13.78 -9.11 -18.02
CA HIS A 364 14.88 -9.17 -18.99
C HIS A 364 14.49 -8.57 -20.33
N HIS A 365 15.06 -7.41 -20.62
CA HIS A 365 14.78 -6.66 -21.83
C HIS A 365 13.30 -6.69 -22.21
N GLN A 366 12.96 -7.40 -23.27
CA GLN A 366 11.59 -7.38 -23.78
C GLN A 366 10.82 -8.65 -23.41
N GLU A 367 11.42 -9.52 -22.60
CA GLU A 367 10.72 -10.77 -22.29
C GLU A 367 9.55 -10.48 -21.38
N PRO A 368 8.38 -11.04 -21.70
CA PRO A 368 7.15 -10.67 -20.97
C PRO A 368 7.12 -11.12 -19.51
N LEU A 369 7.65 -12.30 -19.18
CA LEU A 369 7.66 -12.74 -17.80
C LEU A 369 8.98 -12.48 -17.08
N PRO A 370 8.91 -12.10 -15.79
CA PRO A 370 10.15 -11.95 -15.04
C PRO A 370 10.78 -13.30 -14.74
N TRP A 371 12.06 -13.27 -14.44
CA TRP A 371 12.75 -14.43 -13.91
C TRP A 371 12.82 -14.36 -12.40
N ALA A 372 12.71 -15.52 -11.75
CA ALA A 372 12.81 -15.63 -10.30
C ALA A 372 14.09 -16.38 -9.97
N GLN A 373 15.01 -15.69 -9.31
CA GLN A 373 16.24 -16.32 -8.89
C GLN A 373 16.26 -16.43 -7.37
N SER A 374 16.27 -17.69 -6.93
CA SER A 374 16.32 -18.02 -5.53
C SER A 374 17.58 -17.44 -4.88
N THR A 375 17.41 -16.87 -3.70
CA THR A 375 18.54 -16.32 -2.95
C THR A 375 19.44 -17.46 -2.47
N GLY A 376 20.68 -17.13 -2.14
CA GLY A 376 21.65 -18.13 -1.72
C GLY A 376 21.99 -19.13 -2.82
N SER A 381 25.42 -14.32 -10.10
CA SER A 381 26.39 -13.26 -10.38
C SER A 381 26.65 -12.37 -9.15
N ARG A 382 27.68 -11.56 -9.27
CA ARG A 382 28.04 -10.54 -8.29
C ARG A 382 26.83 -9.70 -7.86
N LEU A 383 26.32 -8.97 -8.84
CA LEU A 383 25.22 -8.04 -8.68
C LEU A 383 23.91 -8.69 -8.22
N MET A 384 23.60 -9.89 -8.73
CA MET A 384 22.39 -10.59 -8.35
C MET A 384 22.50 -11.09 -6.91
N SER A 385 23.70 -11.48 -6.48
CA SER A 385 23.91 -11.96 -5.11
C SER A 385 23.82 -10.81 -4.10
N MET A 386 23.73 -9.58 -4.61
CA MET A 386 23.58 -8.39 -3.77
C MET A 386 22.14 -7.90 -3.72
N ARG A 387 21.27 -8.48 -4.56
CA ARG A 387 19.89 -7.98 -4.62
C ARG A 387 19.13 -8.34 -3.33
N SER A 388 18.31 -7.42 -2.82
CA SER A 388 17.40 -7.77 -1.71
C SER A 388 16.16 -8.49 -2.21
N ALA A 389 15.74 -9.52 -1.47
CA ALA A 389 14.65 -10.35 -1.95
C ALA A 389 13.38 -9.56 -2.08
N ASN A 390 12.75 -9.68 -3.24
CA ASN A 390 11.43 -9.08 -3.42
C ASN A 390 10.33 -10.09 -3.73
N GLY A 391 10.64 -11.38 -3.64
CA GLY A 391 9.69 -12.42 -3.96
C GLY A 391 9.83 -13.59 -3.04
N LEU A 392 8.76 -14.36 -2.93
CA LEU A 392 8.78 -15.64 -2.27
C LEU A 392 8.29 -16.67 -3.24
N LEU A 393 9.20 -17.49 -3.74
CA LEU A 393 8.86 -18.65 -4.56
C LEU A 393 7.85 -19.56 -3.85
N MET A 394 6.80 -19.99 -4.54
CA MET A 394 5.77 -20.86 -3.99
C MET A 394 5.69 -22.10 -4.87
N LEU A 395 6.41 -23.15 -4.45
CA LEU A 395 6.53 -24.33 -5.28
C LEU A 395 5.57 -25.41 -4.80
N PRO A 396 4.95 -26.10 -5.75
CA PRO A 396 3.92 -27.07 -5.44
C PRO A 396 4.49 -28.35 -4.83
N PRO A 397 3.67 -29.08 -4.06
CA PRO A 397 4.09 -30.40 -3.60
C PRO A 397 4.41 -31.31 -4.78
N LYS A 398 5.40 -32.18 -4.62
CA LYS A 398 5.69 -33.16 -5.63
C LYS A 398 4.52 -34.13 -5.76
N THR A 399 4.39 -34.71 -6.94
CA THR A 399 3.44 -35.78 -7.16
C THR A 399 4.22 -36.98 -7.71
N GLU A 400 3.54 -38.12 -7.88
CA GLU A 400 4.20 -39.25 -8.53
C GLU A 400 4.55 -38.84 -9.98
N GLN A 401 3.80 -37.89 -10.53
CA GLN A 401 4.10 -37.30 -11.85
C GLN A 401 5.26 -36.31 -11.80
N TYR A 402 5.08 -35.24 -11.03
CA TYR A 402 6.01 -34.10 -10.99
C TYR A 402 6.92 -34.15 -9.78
N VAL A 403 8.23 -34.17 -10.04
CA VAL A 403 9.22 -34.43 -9.03
C VAL A 403 10.28 -33.33 -9.03
N GLU A 404 10.37 -32.65 -10.16
CA GLU A 404 11.37 -31.63 -10.40
C GLU A 404 10.71 -30.58 -11.28
N LEU A 405 11.06 -29.32 -11.06
CA LEU A 405 10.71 -28.25 -11.98
C LEU A 405 11.98 -27.76 -12.63
N HIS A 406 11.89 -27.32 -13.88
CA HIS A 406 13.09 -26.91 -14.62
C HIS A 406 13.20 -25.44 -14.89
N LYS A 407 14.45 -25.01 -15.05
CA LYS A 407 14.75 -23.67 -15.52
C LYS A 407 13.80 -23.28 -16.65
N GLY A 408 13.19 -22.11 -16.51
CA GLY A 408 12.32 -21.54 -17.53
C GLY A 408 10.85 -21.82 -17.30
N GLU A 409 10.54 -22.82 -16.48
CA GLU A 409 9.14 -23.12 -16.20
C GLU A 409 8.49 -22.04 -15.33
N VAL A 410 7.19 -21.87 -15.52
CA VAL A 410 6.47 -20.79 -14.90
C VAL A 410 5.96 -21.21 -13.53
N VAL A 411 6.31 -20.41 -12.53
CA VAL A 411 5.89 -20.66 -11.15
C VAL A 411 5.26 -19.43 -10.50
N ASP A 412 4.55 -19.68 -9.41
CA ASP A 412 3.97 -18.62 -8.57
C ASP A 412 5.04 -17.99 -7.70
N VAL A 413 5.02 -16.67 -7.62
CA VAL A 413 5.87 -15.93 -6.72
C VAL A 413 5.08 -14.84 -5.99
N MET A 414 5.11 -14.88 -4.66
CA MET A 414 4.45 -13.85 -3.85
C MET A 414 5.33 -12.65 -3.78
N VAL A 415 4.77 -11.48 -4.03
CA VAL A 415 5.58 -10.26 -3.92
C VAL A 415 5.73 -9.84 -2.45
N ILE A 416 6.98 -9.64 -2.03
CA ILE A 416 7.26 -9.29 -0.64
C ILE A 416 8.13 -8.06 -0.47
N GLY A 417 8.59 -7.55 -1.60
CA GLY A 417 9.50 -6.42 -1.64
C GLY A 417 8.96 -5.58 -2.76
N ARG A 418 9.39 -4.32 -2.84
CA ARG A 418 9.06 -3.51 -3.98
C ARG A 418 9.74 -4.11 -5.21
N LEU A 419 8.98 -4.25 -6.28
CA LEU A 419 9.53 -4.81 -7.51
C LEU A 419 10.57 -3.89 -8.14
#